data_5XG9
#
_entry.id   5XG9
#
_cell.length_a   106.462
_cell.length_b   79.611
_cell.length_c   88.479
_cell.angle_alpha   90.00
_cell.angle_beta   122.65
_cell.angle_gamma   90.00
#
_symmetry.space_group_name_H-M   'C 1 2 1'
#
loop_
_entity.id
_entity.type
_entity.pdbx_description
1 polymer 'Unconventional myosin IB'
2 non-polymer 'PENTAETHYLENE GLYCOL'
3 non-polymer 2,5,8,11,14,17,20,23,26,29,32,35,38,41,44,47,50,53,56,59,62,65,68,71,74,77,80-HEPTACOSAOXADOOCTACONTAN-82-OL
4 non-polymer 1-(2-METHOXY-ETHOXY)-2-{2-[2-(2-METHOXY-ETHOXY]-ETHOXY}-ETHANE
5 non-polymer 'SULFATE ION'
6 water water
#
_entity_poly.entity_id   1
_entity_poly.type   'polypeptide(L)'
_entity_poly.pdbx_seq_one_letter_code
;ASMLPQVKALYPYTAANDEELSFKVGDIITILEKDEGWWKGELNGQEGWIPNNYVKEILEHHHHHH
;
_entity_poly.pdbx_strand_id   B,A,C,D,E,F,G,H
#
loop_
_chem_comp.id
_chem_comp.type
_chem_comp.name
_chem_comp.formula
1PE non-polymer 'PENTAETHYLENE GLYCOL' 'C10 H22 O6'
PEU non-polymer 2,5,8,11,14,17,20,23,26,29,32,35,38,41,44,47,50,53,56,59,62,65,68,71,74,77,80-HEPTACOSAOXADOOCTACONTAN-82-OL 'C55 H112 O28'
PG6 non-polymer 1-(2-METHOXY-ETHOXY)-2-{2-[2-(2-METHOXY-ETHOXY]-ETHOXY}-ETHANE 'C12 H26 O6'
SO4 non-polymer 'SULFATE ION' 'O4 S -2'
#
# COMPACT_ATOMS: atom_id res chain seq x y z
N ALA A 1 5.09 3.21 -6.98
CA ALA A 1 4.70 2.10 -7.84
C ALA A 1 3.98 2.66 -9.08
N SER A 2 3.90 1.84 -10.14
CA SER A 2 3.05 2.22 -11.26
C SER A 2 1.66 1.56 -11.13
N MET A 3 0.65 2.24 -11.64
CA MET A 3 -0.74 1.74 -11.59
C MET A 3 -0.99 0.93 -12.83
N LEU A 4 -1.55 -0.23 -12.66
CA LEU A 4 -1.96 -1.06 -13.78
C LEU A 4 -3.47 -0.92 -13.91
N PRO A 5 -3.98 -1.08 -15.12
CA PRO A 5 -5.44 -1.13 -15.25
C PRO A 5 -6.01 -2.42 -14.63
N GLN A 6 -7.21 -2.28 -14.08
CA GLN A 6 -7.98 -3.36 -13.59
C GLN A 6 -9.36 -3.36 -14.26
N VAL A 7 -9.91 -4.56 -14.39
CA VAL A 7 -11.20 -4.70 -15.03
C VAL A 7 -12.05 -5.60 -14.10
N LYS A 8 -13.38 -5.47 -14.24
CA LYS A 8 -14.32 -6.31 -13.56
C LYS A 8 -15.04 -7.17 -14.59
N ALA A 9 -15.11 -8.47 -14.35
CA ALA A 9 -15.78 -9.36 -15.23
C ALA A 9 -17.29 -9.20 -15.17
N LEU A 10 -17.90 -9.13 -16.36
CA LEU A 10 -19.36 -9.12 -16.48
C LEU A 10 -19.96 -10.40 -16.88
N TYR A 11 -19.13 -11.32 -17.33
CA TYR A 11 -19.60 -12.64 -17.83
C TYR A 11 -18.55 -13.64 -17.37
N PRO A 12 -18.93 -14.90 -17.19
CA PRO A 12 -17.93 -15.90 -16.85
C PRO A 12 -17.16 -16.28 -18.10
N TYR A 13 -15.94 -16.81 -17.99
CA TYR A 13 -15.17 -17.29 -19.13
C TYR A 13 -14.39 -18.52 -18.71
N THR A 14 -14.46 -19.55 -19.54
CA THR A 14 -13.65 -20.73 -19.41
C THR A 14 -12.57 -20.64 -20.46
N ALA A 15 -11.33 -20.56 -20.02
CA ALA A 15 -10.16 -20.59 -20.93
C ALA A 15 -10.26 -21.76 -21.92
N ALA A 16 -9.98 -21.51 -23.21
CA ALA A 16 -9.98 -22.55 -24.25
C ALA A 16 -8.68 -23.30 -24.34
N ASN A 17 -7.61 -22.71 -23.85
CA ASN A 17 -6.26 -23.32 -23.90
C ASN A 17 -5.40 -22.70 -22.82
N ASP A 18 -4.14 -23.18 -22.67
CA ASP A 18 -3.34 -22.70 -21.56
C ASP A 18 -2.80 -21.30 -21.69
N GLU A 19 -3.06 -20.60 -22.78
CA GLU A 19 -2.59 -19.21 -22.89
C GLU A 19 -3.66 -18.27 -22.30
N GLU A 20 -4.85 -18.76 -21.99
CA GLU A 20 -6.01 -17.94 -21.61
C GLU A 20 -6.29 -18.08 -20.14
N LEU A 21 -7.01 -17.09 -19.58
CA LEU A 21 -7.34 -17.09 -18.15
C LEU A 21 -8.85 -17.23 -17.93
N SER A 22 -9.23 -18.23 -17.12
CA SER A 22 -10.62 -18.37 -16.70
C SER A 22 -11.00 -17.37 -15.59
N PHE A 23 -12.29 -16.98 -15.62
CA PHE A 23 -12.85 -16.12 -14.55
C PHE A 23 -14.36 -16.23 -14.38
N LYS A 24 -14.87 -15.67 -13.27
CA LYS A 24 -16.24 -15.62 -12.96
C LYS A 24 -16.69 -14.18 -12.95
N VAL A 25 -17.98 -14.06 -12.96
CA VAL A 25 -18.61 -12.71 -12.86
C VAL A 25 -18.18 -12.05 -11.57
N GLY A 26 -17.76 -10.81 -11.69
CA GLY A 26 -17.31 -10.00 -10.61
C GLY A 26 -15.84 -10.07 -10.26
N ASP A 27 -15.12 -11.03 -10.83
CA ASP A 27 -13.66 -11.05 -10.63
C ASP A 27 -13.02 -9.74 -11.08
N ILE A 28 -12.06 -9.26 -10.25
CA ILE A 28 -11.28 -8.08 -10.53
C ILE A 28 -9.91 -8.52 -11.03
N ILE A 29 -9.64 -8.22 -12.30
CA ILE A 29 -8.48 -8.76 -12.98
C ILE A 29 -7.54 -7.62 -13.34
N THR A 30 -6.24 -7.84 -13.14
CA THR A 30 -5.24 -6.83 -13.41
C THR A 30 -4.71 -7.00 -14.77
N ILE A 31 -4.59 -5.91 -15.52
CA ILE A 31 -4.19 -6.01 -16.90
C ILE A 31 -2.72 -5.68 -17.06
N LEU A 32 -1.97 -6.65 -17.61
CA LEU A 32 -0.52 -6.50 -17.78
C LEU A 32 -0.16 -5.98 -19.15
N GLU A 33 -1.09 -6.04 -20.10
CA GLU A 33 -0.82 -5.77 -21.47
C GLU A 33 -2.16 -5.79 -22.31
N LYS A 34 -2.25 -4.93 -23.32
CA LYS A 34 -3.43 -4.93 -24.21
C LYS A 34 -3.02 -5.20 -25.63
N ASP A 35 -3.73 -6.08 -26.27
CA ASP A 35 -3.52 -6.31 -27.70
C ASP A 35 -4.86 -6.30 -28.48
N GLU A 36 -5.40 -5.14 -28.62
CA GLU A 36 -6.76 -4.92 -29.26
C GLU A 36 -7.84 -5.69 -28.49
N GLY A 37 -8.51 -6.68 -29.11
CA GLY A 37 -9.59 -7.42 -28.45
C GLY A 37 -9.22 -8.40 -27.33
N TRP A 38 -7.93 -8.75 -27.20
CA TRP A 38 -7.46 -9.68 -26.18
C TRP A 38 -6.51 -8.88 -25.27
N TRP A 39 -6.81 -8.94 -23.97
CA TRP A 39 -5.98 -8.32 -22.96
C TRP A 39 -5.32 -9.36 -22.13
N LYS A 40 -4.11 -9.10 -21.65
CA LYS A 40 -3.44 -10.10 -20.80
C LYS A 40 -3.68 -9.78 -19.33
N GLY A 41 -4.30 -10.73 -18.62
CA GLY A 41 -4.70 -10.55 -17.25
C GLY A 41 -3.97 -11.42 -16.24
N GLU A 42 -4.01 -10.94 -14.99
CA GLU A 42 -3.51 -11.65 -13.85
C GLU A 42 -4.57 -11.61 -12.76
N LEU A 43 -4.80 -12.78 -12.21
CA LEU A 43 -5.80 -12.99 -11.15
C LEU A 43 -5.25 -14.08 -10.21
N ASN A 44 -5.04 -13.70 -8.95
CA ASN A 44 -4.62 -14.64 -7.94
C ASN A 44 -3.49 -15.50 -8.37
N GLY A 45 -2.51 -14.87 -9.00
CA GLY A 45 -1.31 -15.60 -9.35
C GLY A 45 -1.42 -16.38 -10.68
N GLN A 46 -2.57 -16.36 -11.35
CA GLN A 46 -2.70 -16.99 -12.68
C GLN A 46 -2.68 -15.91 -13.72
N GLU A 47 -2.04 -16.15 -14.84
CA GLU A 47 -1.90 -15.14 -15.87
C GLU A 47 -2.38 -15.73 -17.19
N GLY A 48 -3.11 -14.91 -18.00
CA GLY A 48 -3.42 -15.36 -19.35
C GLY A 48 -4.26 -14.34 -20.05
N TRP A 49 -4.56 -14.62 -21.30
CA TRP A 49 -5.24 -13.63 -22.17
C TRP A 49 -6.72 -13.80 -21.95
N ILE A 50 -7.42 -12.69 -21.98
CA ILE A 50 -8.89 -12.65 -21.78
C ILE A 50 -9.58 -11.85 -22.87
N PRO A 51 -10.83 -12.20 -23.19
CA PRO A 51 -11.56 -11.42 -24.23
C PRO A 51 -12.13 -10.17 -23.63
N ASN A 52 -11.80 -8.99 -24.19
CA ASN A 52 -12.14 -7.77 -23.55
C ASN A 52 -13.65 -7.44 -23.51
N ASN A 53 -14.45 -8.15 -24.32
CA ASN A 53 -15.89 -7.93 -24.31
C ASN A 53 -16.52 -8.56 -23.04
N TYR A 54 -15.79 -9.44 -22.35
CA TYR A 54 -16.31 -10.01 -21.15
C TYR A 54 -16.17 -9.15 -19.88
N VAL A 55 -15.48 -8.03 -20.00
CA VAL A 55 -15.07 -7.27 -18.87
C VAL A 55 -15.32 -5.80 -19.11
N LYS A 56 -15.21 -5.04 -18.01
CA LYS A 56 -15.28 -3.61 -18.06
C LYS A 56 -14.20 -2.97 -17.20
N GLU A 57 -13.42 -2.12 -17.86
CA GLU A 57 -12.25 -1.51 -17.22
C GLU A 57 -12.72 -0.56 -16.16
N ILE A 58 -12.08 -0.63 -14.99
CA ILE A 58 -12.38 0.27 -13.89
C ILE A 58 -11.70 1.65 -14.07
N LEU A 59 -12.48 2.74 -14.11
CA LEU A 59 -11.93 4.05 -14.50
C LEU A 59 -11.21 4.70 -13.30
N ALA B 1 -1.79 32.93 20.48
CA ALA B 1 -2.11 31.46 20.36
C ALA B 1 -1.73 30.77 21.65
N SER B 2 -2.15 29.53 21.87
CA SER B 2 -1.66 28.78 22.99
C SER B 2 -0.97 27.51 22.45
N MET B 3 -0.03 27.01 23.21
CA MET B 3 0.80 25.86 22.83
C MET B 3 0.16 24.55 23.27
N LEU B 4 0.02 23.60 22.34
CA LEU B 4 -0.59 22.34 22.65
C LEU B 4 0.61 21.41 22.74
N PRO B 5 0.51 20.38 23.56
CA PRO B 5 1.59 19.42 23.58
C PRO B 5 1.67 18.70 22.27
N GLN B 6 2.90 18.35 21.88
CA GLN B 6 3.18 17.54 20.69
C GLN B 6 4.02 16.34 21.09
N VAL B 7 3.84 15.26 20.32
CA VAL B 7 4.62 14.06 20.56
C VAL B 7 5.27 13.66 19.28
N LYS B 8 6.37 12.91 19.38
CA LYS B 8 6.96 12.27 18.24
C LYS B 8 6.78 10.76 18.32
N ALA B 9 6.27 10.17 17.25
CA ALA B 9 6.08 8.72 17.17
C ALA B 9 7.38 7.97 17.16
N LEU B 10 7.49 6.98 18.06
CA LEU B 10 8.62 6.15 18.14
C LEU B 10 8.47 4.82 17.42
N TYR B 11 7.23 4.40 17.13
CA TYR B 11 6.89 3.09 16.49
C TYR B 11 5.70 3.39 15.58
N PRO B 12 5.52 2.63 14.51
CA PRO B 12 4.35 2.77 13.70
C PRO B 12 3.14 2.21 14.47
N TYR B 13 1.99 2.76 14.12
CA TYR B 13 0.71 2.30 14.61
C TYR B 13 -0.36 2.33 13.54
N THR B 14 -1.15 1.24 13.52
CA THR B 14 -2.33 1.15 12.69
C THR B 14 -3.56 1.11 13.57
N ALA B 15 -4.47 2.07 13.33
CA ALA B 15 -5.74 2.23 14.05
C ALA B 15 -6.57 0.94 13.87
N ALA B 16 -7.16 0.47 14.96
CA ALA B 16 -8.02 -0.72 14.91
C ALA B 16 -9.41 -0.36 14.57
N ASN B 17 -9.81 0.91 14.72
CA ASN B 17 -11.14 1.36 14.42
C ASN B 17 -11.08 2.81 13.94
N ASP B 18 -12.25 3.33 13.56
CA ASP B 18 -12.30 4.68 13.04
C ASP B 18 -12.06 5.80 14.01
N GLU B 19 -12.15 5.54 15.29
CA GLU B 19 -11.83 6.59 16.27
C GLU B 19 -10.39 6.65 16.71
N GLU B 20 -9.56 5.77 16.15
CA GLU B 20 -8.13 5.75 16.47
C GLU B 20 -7.36 6.37 15.28
N LEU B 21 -6.13 6.75 15.54
CA LEU B 21 -5.29 7.50 14.56
C LEU B 21 -4.02 6.71 14.29
N SER B 22 -3.88 6.29 13.03
CA SER B 22 -2.67 5.61 12.53
C SER B 22 -1.53 6.63 12.39
N PHE B 23 -0.31 6.18 12.55
CA PHE B 23 0.85 7.10 12.30
C PHE B 23 2.09 6.29 12.06
N LYS B 24 3.10 7.03 11.64
CA LYS B 24 4.42 6.52 11.26
C LYS B 24 5.52 7.05 12.16
N VAL B 25 6.63 6.30 12.20
CA VAL B 25 7.79 6.73 13.02
C VAL B 25 8.25 8.13 12.63
N GLY B 26 8.38 8.98 13.64
CA GLY B 26 8.82 10.34 13.47
C GLY B 26 7.72 11.32 13.16
N ASP B 27 6.46 10.85 12.99
CA ASP B 27 5.32 11.77 12.93
C ASP B 27 5.21 12.56 14.25
N ILE B 28 5.07 13.88 14.07
CA ILE B 28 4.84 14.90 15.08
C ILE B 28 3.29 15.13 15.21
N ILE B 29 2.74 14.62 16.30
CA ILE B 29 1.31 14.59 16.47
C ILE B 29 0.94 15.59 17.57
N THR B 30 -0.07 16.38 17.34
CA THR B 30 -0.54 17.32 18.33
C THR B 30 -1.54 16.71 19.29
N ILE B 31 -1.39 16.95 20.59
CA ILE B 31 -2.28 16.30 21.59
C ILE B 31 -3.43 17.23 21.95
N LEU B 32 -4.64 16.73 21.82
CA LEU B 32 -5.83 17.51 22.15
C LEU B 32 -6.40 17.23 23.51
N GLU B 33 -6.18 15.99 23.95
CA GLU B 33 -6.65 15.52 25.19
C GLU B 33 -5.87 14.23 25.59
N LYS B 34 -5.69 14.07 26.89
CA LYS B 34 -5.01 12.90 27.47
C LYS B 34 -5.97 12.08 28.34
N ASP B 35 -6.05 10.77 28.11
CA ASP B 35 -6.95 9.86 28.84
C ASP B 35 -6.26 8.55 29.29
N GLU B 36 -5.52 8.60 30.36
CA GLU B 36 -4.74 7.48 30.81
C GLU B 36 -3.90 6.98 29.66
N GLY B 37 -3.81 5.70 29.38
CA GLY B 37 -2.92 5.24 28.31
C GLY B 37 -3.16 5.61 26.86
N TRP B 38 -4.16 6.40 26.63
CA TRP B 38 -4.59 6.87 25.32
C TRP B 38 -4.80 8.39 25.24
N TRP B 39 -4.15 9.00 24.23
CA TRP B 39 -4.20 10.43 23.99
C TRP B 39 -4.90 10.74 22.68
N LYS B 40 -5.63 11.83 22.65
CA LYS B 40 -6.34 12.23 21.45
C LYS B 40 -5.43 13.08 20.63
N GLY B 41 -5.10 12.60 19.48
CA GLY B 41 -4.16 13.29 18.59
C GLY B 41 -4.67 13.82 17.28
N GLU B 42 -3.93 14.77 16.68
CA GLU B 42 -4.25 15.37 15.37
C GLU B 42 -3.00 15.41 14.57
N LEU B 43 -3.05 14.87 13.36
CA LEU B 43 -1.93 14.76 12.45
C LEU B 43 -2.41 14.93 11.03
N ASN B 44 -1.93 16.02 10.39
CA ASN B 44 -2.17 16.30 8.96
C ASN B 44 -3.67 16.18 8.60
N GLY B 45 -4.50 16.74 9.48
CA GLY B 45 -5.97 16.79 9.31
C GLY B 45 -6.75 15.55 9.67
N GLN B 46 -6.11 14.61 10.36
CA GLN B 46 -6.80 13.44 10.84
C GLN B 46 -6.74 13.49 12.37
N GLU B 47 -7.86 13.13 13.01
CA GLU B 47 -7.95 13.10 14.46
C GLU B 47 -8.41 11.76 15.00
N GLY B 48 -7.78 11.33 16.10
CA GLY B 48 -8.16 10.12 16.79
C GLY B 48 -7.23 9.71 17.91
N TRP B 49 -7.63 8.63 18.60
CA TRP B 49 -6.92 8.16 19.73
C TRP B 49 -5.63 7.45 19.36
N ILE B 50 -4.59 7.73 20.13
CA ILE B 50 -3.30 7.05 19.99
C ILE B 50 -2.83 6.43 21.29
N PRO B 51 -2.08 5.36 21.15
CA PRO B 51 -1.49 4.78 22.34
C PRO B 51 -0.25 5.52 22.81
N ASN B 52 -0.26 6.02 24.04
CA ASN B 52 0.79 6.93 24.41
C ASN B 52 2.16 6.31 24.62
N ASN B 53 2.22 5.00 24.88
CA ASN B 53 3.48 4.30 24.94
C ASN B 53 4.21 4.13 23.56
N TYR B 54 3.58 4.55 22.47
CA TYR B 54 4.20 4.53 21.17
C TYR B 54 4.91 5.85 20.80
N VAL B 55 4.81 6.86 21.68
CA VAL B 55 5.23 8.20 21.33
C VAL B 55 6.03 8.82 22.47
N LYS B 56 6.74 9.89 22.18
CA LYS B 56 7.40 10.65 23.22
C LYS B 56 7.04 12.10 23.13
N GLU B 57 6.56 12.65 24.23
CA GLU B 57 6.29 14.09 24.33
C GLU B 57 7.56 14.92 24.08
N ILE B 58 7.40 15.96 23.30
CA ILE B 58 8.47 16.92 22.96
C ILE B 58 8.46 17.94 24.11
N LEU B 59 9.60 18.23 24.74
CA LEU B 59 9.56 19.15 25.93
C LEU B 59 9.92 20.61 25.67
N ALA C 1 -3.99 -21.10 -18.34
CA ALA C 1 -3.22 -19.98 -17.69
C ALA C 1 -1.85 -20.50 -17.23
N SER C 2 -0.89 -19.60 -17.06
CA SER C 2 0.39 -19.99 -16.47
C SER C 2 0.40 -19.48 -14.99
N MET C 3 1.15 -20.13 -14.12
CA MET C 3 1.15 -19.75 -12.71
C MET C 3 2.32 -18.84 -12.44
N LEU C 4 2.05 -17.69 -11.81
CA LEU C 4 3.11 -16.82 -11.48
C LEU C 4 3.48 -17.09 -10.01
N PRO C 5 4.77 -16.95 -9.67
CA PRO C 5 5.13 -17.07 -8.28
C PRO C 5 4.44 -16.00 -7.46
N GLN C 6 4.15 -16.30 -6.21
CA GLN C 6 3.63 -15.32 -5.32
C GLN C 6 4.42 -15.36 -3.98
N VAL C 7 4.37 -14.26 -3.23
CA VAL C 7 5.13 -14.21 -2.01
C VAL C 7 4.19 -13.62 -0.99
N LYS C 8 4.53 -13.87 0.27
CA LYS C 8 3.86 -13.28 1.38
C LYS C 8 4.83 -12.37 2.11
N ALA C 9 4.47 -11.09 2.24
CA ALA C 9 5.29 -10.14 3.02
C ALA C 9 5.40 -10.53 4.47
N LEU C 10 6.61 -10.54 4.99
CA LEU C 10 6.89 -10.83 6.40
C LEU C 10 7.16 -9.54 7.23
N TYR C 11 7.60 -8.47 6.59
CA TYR C 11 7.92 -7.24 7.24
C TYR C 11 7.31 -6.13 6.35
N PRO C 12 7.00 -4.98 6.93
CA PRO C 12 6.47 -3.88 6.15
C PRO C 12 7.63 -3.26 5.36
N TYR C 13 7.28 -2.67 4.26
CA TYR C 13 8.25 -1.96 3.42
C TYR C 13 7.62 -0.71 2.81
N THR C 14 8.37 0.41 2.83
CA THR C 14 7.94 1.62 2.17
C THR C 14 8.91 1.89 1.00
N ALA C 15 8.36 2.08 -0.17
CA ALA C 15 9.13 2.32 -1.43
C ALA C 15 10.01 3.59 -1.26
N ALA C 16 11.29 3.50 -1.57
CA ALA C 16 12.20 4.70 -1.59
C ALA C 16 11.92 5.60 -2.80
N ASN C 17 11.36 5.03 -3.88
CA ASN C 17 11.04 5.83 -5.06
C ASN C 17 9.85 5.26 -5.82
N ASP C 18 9.46 5.95 -6.86
CA ASP C 18 8.32 5.59 -7.67
C ASP C 18 8.31 4.23 -8.35
N GLU C 19 9.46 3.56 -8.53
CA GLU C 19 9.53 2.29 -9.21
C GLU C 19 9.54 1.11 -8.24
N GLU C 20 9.46 1.39 -6.93
CA GLU C 20 9.40 0.36 -5.90
C GLU C 20 7.95 0.29 -5.42
N LEU C 21 7.63 -0.78 -4.73
CA LEU C 21 6.27 -1.07 -4.27
C LEU C 21 6.24 -1.27 -2.78
N SER C 22 5.49 -0.39 -2.11
CA SER C 22 5.27 -0.50 -0.65
C SER C 22 4.32 -1.68 -0.39
N PHE C 23 4.43 -2.25 0.80
CA PHE C 23 3.52 -3.34 1.22
C PHE C 23 3.55 -3.55 2.70
N LYS C 24 2.53 -4.32 3.14
CA LYS C 24 2.22 -4.51 4.57
C LYS C 24 2.38 -6.00 4.90
N VAL C 25 2.68 -6.30 6.17
CA VAL C 25 2.84 -7.72 6.57
C VAL C 25 1.60 -8.54 6.18
N GLY C 26 1.87 -9.63 5.50
CA GLY C 26 0.77 -10.51 5.02
C GLY C 26 0.23 -10.27 3.63
N ASP C 27 0.63 -9.17 3.01
CA ASP C 27 0.26 -8.90 1.62
C ASP C 27 0.76 -10.00 0.72
N ILE C 28 -0.13 -10.44 -0.18
CA ILE C 28 0.19 -11.47 -1.16
C ILE C 28 0.56 -10.85 -2.51
N ILE C 29 1.82 -10.93 -2.84
CA ILE C 29 2.36 -10.15 -3.96
C ILE C 29 2.72 -11.10 -5.08
N THR C 30 2.24 -10.79 -6.30
CA THR C 30 2.53 -11.63 -7.45
C THR C 30 3.85 -11.16 -8.06
N ILE C 31 4.75 -12.11 -8.41
CA ILE C 31 6.03 -11.82 -8.99
C ILE C 31 6.05 -11.92 -10.54
N LEU C 32 6.47 -10.85 -11.16
CA LEU C 32 6.57 -10.70 -12.61
C LEU C 32 7.96 -10.75 -13.20
N GLU C 33 9.01 -10.64 -12.37
CA GLU C 33 10.43 -10.56 -12.81
C GLU C 33 11.26 -10.75 -11.51
N LYS C 34 12.31 -11.58 -11.59
CA LYS C 34 13.28 -11.73 -10.46
C LYS C 34 14.66 -11.29 -10.90
N ASP C 35 15.24 -10.28 -10.22
CA ASP C 35 16.58 -9.64 -10.52
C ASP C 35 17.48 -9.54 -9.28
N GLU C 36 18.07 -10.67 -8.97
CA GLU C 36 18.91 -10.85 -7.80
C GLU C 36 18.10 -10.48 -6.59
N GLY C 37 18.50 -9.50 -5.80
CA GLY C 37 17.82 -9.29 -4.50
C GLY C 37 16.55 -8.46 -4.54
N TRP C 38 16.12 -8.12 -5.75
CA TRP C 38 14.92 -7.30 -5.95
C TRP C 38 14.05 -8.02 -6.98
N TRP C 39 12.76 -8.16 -6.67
CA TRP C 39 11.82 -8.85 -7.52
C TRP C 39 10.79 -7.81 -7.89
N LYS C 40 10.21 -7.94 -9.07
CA LYS C 40 9.19 -6.94 -9.50
C LYS C 40 7.83 -7.52 -9.14
N GLY C 41 7.11 -6.83 -8.26
CA GLY C 41 5.86 -7.33 -7.69
C GLY C 41 4.67 -6.55 -8.17
N GLU C 42 3.51 -7.16 -8.03
CA GLU C 42 2.19 -6.58 -8.36
C GLU C 42 1.22 -6.90 -7.22
N LEU C 43 0.54 -5.92 -6.70
CA LEU C 43 -0.38 -6.01 -5.56
C LEU C 43 -1.50 -5.00 -5.75
N ASN C 44 -2.72 -5.48 -5.80
CA ASN C 44 -3.87 -4.61 -5.78
C ASN C 44 -3.75 -3.52 -6.90
N GLY C 45 -3.22 -3.92 -8.05
CA GLY C 45 -3.10 -3.09 -9.22
C GLY C 45 -1.94 -2.15 -9.27
N GLN C 46 -1.01 -2.29 -8.31
CA GLN C 46 0.21 -1.47 -8.24
C GLN C 46 1.40 -2.36 -8.52
N GLU C 47 2.40 -1.90 -9.32
CA GLU C 47 3.51 -2.70 -9.67
C GLU C 47 4.80 -1.98 -9.33
N GLY C 48 5.76 -2.76 -8.87
CA GLY C 48 7.06 -2.21 -8.59
C GLY C 48 8.01 -3.15 -7.95
N TRP C 49 9.23 -2.66 -7.79
CA TRP C 49 10.29 -3.52 -7.27
C TRP C 49 10.18 -3.71 -5.77
N ILE C 50 10.48 -4.91 -5.29
CA ILE C 50 10.41 -5.19 -3.88
C ILE C 50 11.70 -5.86 -3.43
N PRO C 51 12.10 -5.65 -2.15
CA PRO C 51 13.25 -6.45 -1.69
C PRO C 51 12.95 -7.89 -1.32
N ASN C 52 13.63 -8.88 -1.92
CA ASN C 52 13.17 -10.24 -1.69
C ASN C 52 13.42 -10.78 -0.29
N ASN C 53 14.30 -10.16 0.48
CA ASN C 53 14.50 -10.60 1.88
C ASN C 53 13.38 -10.18 2.85
N TYR C 54 12.39 -9.38 2.41
CA TYR C 54 11.29 -8.98 3.22
C TYR C 54 10.06 -9.92 3.11
N VAL C 55 10.15 -10.88 2.19
CA VAL C 55 9.06 -11.73 1.81
C VAL C 55 9.44 -13.23 1.80
N LYS C 56 8.45 -14.11 1.77
CA LYS C 56 8.66 -15.56 1.63
C LYS C 56 7.87 -16.06 0.45
N GLU C 57 8.51 -16.87 -0.38
CA GLU C 57 7.80 -17.41 -1.56
C GLU C 57 6.78 -18.42 -1.08
N ILE C 58 5.56 -18.41 -1.65
CA ILE C 58 4.52 -19.36 -1.34
C ILE C 58 4.70 -20.61 -2.19
N LEU C 59 4.73 -21.76 -1.50
CA LEU C 59 4.81 -23.10 -2.11
C LEU C 59 4.61 -23.16 -3.62
N ALA D 1 9.31 32.38 -3.92
CA ALA D 1 10.42 31.44 -3.52
C ALA D 1 10.47 30.28 -4.53
N SER D 2 11.58 29.55 -4.61
CA SER D 2 11.58 28.30 -5.40
C SER D 2 11.57 27.10 -4.47
N MET D 3 11.24 25.93 -4.99
CA MET D 3 11.01 24.73 -4.17
C MET D 3 12.27 23.92 -4.34
N LEU D 4 12.86 23.50 -3.22
CA LEU D 4 13.89 22.50 -3.22
C LEU D 4 13.25 21.14 -2.97
N PRO D 5 13.88 20.06 -3.50
CA PRO D 5 13.39 18.71 -3.19
C PRO D 5 13.64 18.40 -1.75
N GLN D 6 12.72 17.70 -1.16
CA GLN D 6 12.84 17.21 0.16
C GLN D 6 12.64 15.71 0.16
N VAL D 7 13.24 15.07 1.17
CA VAL D 7 13.09 13.65 1.33
C VAL D 7 12.71 13.40 2.75
N LYS D 8 12.12 12.23 2.99
CA LYS D 8 11.84 11.74 4.32
C LYS D 8 12.68 10.50 4.60
N ALA D 9 13.46 10.51 5.70
CA ALA D 9 14.23 9.36 6.04
C ALA D 9 13.36 8.16 6.42
N LEU D 10 13.69 6.99 5.85
CA LEU D 10 12.94 5.74 6.12
C LEU D 10 13.72 4.78 7.05
N TYR D 11 15.03 4.99 7.17
CA TYR D 11 15.93 4.21 8.00
C TYR D 11 16.88 5.18 8.70
N PRO D 12 17.35 4.82 9.88
CA PRO D 12 18.36 5.71 10.49
C PRO D 12 19.73 5.51 9.86
N TYR D 13 20.53 6.55 9.87
CA TYR D 13 21.83 6.60 9.23
C TYR D 13 22.76 7.35 10.22
N THR D 14 23.89 6.70 10.54
CA THR D 14 24.92 7.41 11.25
C THR D 14 26.08 7.72 10.33
N ALA D 15 26.48 8.97 10.29
CA ALA D 15 27.61 9.41 9.44
C ALA D 15 28.88 8.70 9.91
N ALA D 16 29.64 8.16 8.96
CA ALA D 16 30.88 7.52 9.39
C ALA D 16 32.04 8.52 9.38
N ASN D 17 31.85 9.66 8.68
CA ASN D 17 32.79 10.75 8.65
C ASN D 17 32.15 12.14 8.53
N ASP D 18 33.01 13.15 8.55
CA ASP D 18 32.53 14.57 8.71
C ASP D 18 31.81 15.13 7.45
N GLU D 19 31.98 14.50 6.27
CA GLU D 19 31.27 14.89 5.08
C GLU D 19 29.86 14.35 4.97
N GLU D 20 29.54 13.34 5.77
CA GLU D 20 28.23 12.71 5.75
C GLU D 20 27.31 13.41 6.80
N LEU D 21 26.00 13.22 6.61
CA LEU D 21 24.93 13.75 7.51
C LEU D 21 24.17 12.62 8.15
N SER D 22 24.18 12.57 9.47
CA SER D 22 23.36 11.63 10.18
C SER D 22 21.91 12.05 10.22
N PHE D 23 21.07 11.04 10.35
CA PHE D 23 19.64 11.30 10.49
C PHE D 23 18.87 10.12 11.05
N LYS D 24 17.61 10.42 11.45
CA LYS D 24 16.69 9.46 12.08
C LYS D 24 15.47 9.30 11.19
N VAL D 25 14.78 8.19 11.36
CA VAL D 25 13.52 7.93 10.64
C VAL D 25 12.55 9.10 10.78
N GLY D 26 12.04 9.58 9.64
CA GLY D 26 11.06 10.60 9.64
C GLY D 26 11.61 11.99 9.50
N ASP D 27 12.92 12.15 9.72
CA ASP D 27 13.55 13.47 9.44
C ASP D 27 13.33 13.91 8.02
N ILE D 28 12.99 15.17 7.85
CA ILE D 28 12.70 15.75 6.57
C ILE D 28 13.94 16.56 6.20
N ILE D 29 14.58 16.13 5.14
CA ILE D 29 15.93 16.60 4.78
C ILE D 29 15.75 17.32 3.47
N THR D 30 16.35 18.52 3.36
CA THR D 30 16.26 19.29 2.13
C THR D 30 17.49 18.98 1.28
N ILE D 31 17.27 18.75 0.00
CA ILE D 31 18.32 18.24 -0.88
C ILE D 31 18.91 19.37 -1.70
N LEU D 32 20.23 19.52 -1.62
CA LEU D 32 20.91 20.62 -2.34
C LEU D 32 21.65 20.16 -3.59
N GLU D 33 21.95 18.87 -3.70
CA GLU D 33 22.67 18.36 -4.83
C GLU D 33 22.49 16.83 -4.90
N LYS D 34 22.56 16.28 -6.13
CA LYS D 34 22.50 14.81 -6.38
C LYS D 34 23.66 14.28 -7.19
N ASP D 35 24.29 13.21 -6.72
CA ASP D 35 25.38 12.52 -7.45
C ASP D 35 25.29 10.97 -7.31
N GLU D 36 24.50 10.34 -8.18
CA GLU D 36 24.38 8.88 -8.15
C GLU D 36 23.75 8.39 -6.80
N GLY D 37 24.39 7.51 -6.07
CA GLY D 37 23.82 6.97 -4.84
C GLY D 37 23.93 7.86 -3.61
N TRP D 38 24.50 9.06 -3.76
CA TRP D 38 24.70 9.99 -2.61
C TRP D 38 24.11 11.33 -2.97
N TRP D 39 23.29 11.87 -2.07
CA TRP D 39 22.77 13.21 -2.22
C TRP D 39 23.22 14.11 -1.12
N LYS D 40 23.33 15.43 -1.40
CA LYS D 40 23.84 16.32 -0.33
C LYS D 40 22.64 17.01 0.28
N GLY D 41 22.48 16.86 1.58
CA GLY D 41 21.29 17.38 2.26
C GLY D 41 21.56 18.36 3.37
N GLU D 42 20.49 19.00 3.82
N GLU D 42 20.40 19.03 3.81
CA GLU D 42 20.55 19.93 4.97
CA GLU D 42 20.46 19.96 4.96
C GLU D 42 19.40 19.60 5.91
C GLU D 42 19.31 19.63 5.90
N LEU D 43 19.70 19.50 7.19
CA LEU D 43 18.74 19.16 8.26
C LEU D 43 19.10 19.88 9.55
N ASN D 44 18.22 20.75 10.05
CA ASN D 44 18.43 21.35 11.36
C ASN D 44 19.77 22.07 11.43
N GLY D 45 20.17 22.70 10.33
CA GLY D 45 21.37 23.49 10.24
C GLY D 45 22.69 22.71 10.00
N GLN D 46 22.57 21.41 9.76
CA GLN D 46 23.72 20.57 9.46
C GLN D 46 23.60 20.12 7.99
N GLU D 47 24.74 20.09 7.29
CA GLU D 47 24.80 19.78 5.88
C GLU D 47 25.81 18.63 5.64
N GLY D 48 25.40 17.69 4.82
CA GLY D 48 26.35 16.65 4.34
C GLY D 48 25.71 15.67 3.43
N TRP D 49 26.55 14.71 2.96
CA TRP D 49 26.08 13.64 2.07
C TRP D 49 25.35 12.51 2.79
N ILE D 50 24.29 11.99 2.11
CA ILE D 50 23.44 10.95 2.62
C ILE D 50 23.23 9.88 1.53
N PRO D 51 23.11 8.62 1.92
CA PRO D 51 22.85 7.56 0.94
C PRO D 51 21.39 7.62 0.49
N ASN D 52 21.14 7.77 -0.82
CA ASN D 52 19.79 8.03 -1.30
C ASN D 52 18.78 6.88 -1.14
N ASN D 53 19.27 5.66 -0.91
CA ASN D 53 18.36 4.51 -0.72
C ASN D 53 17.82 4.42 0.69
N TYR D 54 18.23 5.31 1.59
CA TYR D 54 17.72 5.43 2.93
C TYR D 54 16.53 6.38 3.02
N VAL D 55 16.20 7.10 1.95
CA VAL D 55 15.16 8.12 2.03
C VAL D 55 14.11 7.97 0.93
N LYS D 56 13.03 8.73 1.06
CA LYS D 56 11.93 8.74 0.08
C LYS D 56 11.73 10.17 -0.33
N GLU D 57 11.72 10.45 -1.63
CA GLU D 57 11.43 11.83 -2.09
C GLU D 57 9.98 12.15 -1.91
N ILE D 58 9.72 13.37 -1.51
CA ILE D 58 8.41 13.84 -1.26
C ILE D 58 7.91 14.41 -2.59
N LEU D 59 6.79 13.83 -3.06
CA LEU D 59 6.05 14.17 -4.28
C LEU D 59 6.41 15.52 -4.93
N ALA E 1 -10.83 -23.94 17.56
CA ALA E 1 -11.83 -23.47 16.55
C ALA E 1 -12.63 -24.68 16.09
N SER E 2 -13.83 -24.47 15.54
CA SER E 2 -14.62 -25.55 15.01
C SER E 2 -14.40 -25.55 13.51
N MET E 3 -14.56 -26.70 12.86
CA MET E 3 -14.18 -26.89 11.47
C MET E 3 -15.45 -26.78 10.64
N LEU E 4 -15.43 -25.96 9.60
CA LEU E 4 -16.49 -25.95 8.62
C LEU E 4 -16.10 -26.78 7.42
N PRO E 5 -17.04 -27.48 6.82
CA PRO E 5 -16.67 -28.12 5.56
C PRO E 5 -16.27 -27.08 4.51
N GLN E 6 -15.38 -27.48 3.60
CA GLN E 6 -15.07 -26.71 2.40
C GLN E 6 -15.32 -27.61 1.20
N VAL E 7 -15.59 -26.98 0.07
CA VAL E 7 -15.78 -27.71 -1.17
C VAL E 7 -14.89 -27.11 -2.25
N LYS E 8 -14.54 -27.93 -3.25
CA LYS E 8 -13.86 -27.45 -4.43
C LYS E 8 -14.86 -27.41 -5.55
N ALA E 9 -15.00 -26.26 -6.22
CA ALA E 9 -15.91 -26.21 -7.39
C ALA E 9 -15.36 -27.05 -8.58
N LEU E 10 -16.18 -27.94 -9.15
CA LEU E 10 -15.79 -28.70 -10.36
C LEU E 10 -16.42 -28.26 -11.67
N TYR E 11 -17.34 -27.29 -11.61
CA TYR E 11 -18.09 -26.75 -12.72
C TYR E 11 -18.35 -25.27 -12.44
N PRO E 12 -18.30 -24.42 -13.48
CA PRO E 12 -18.58 -22.96 -13.26
C PRO E 12 -20.08 -22.72 -12.97
N TYR E 13 -20.38 -21.74 -12.14
CA TYR E 13 -21.74 -21.33 -11.86
C TYR E 13 -21.81 -19.81 -11.81
N THR E 14 -22.86 -19.27 -12.43
CA THR E 14 -23.18 -17.86 -12.37
C THR E 14 -24.48 -17.71 -11.60
N ALA E 15 -24.46 -16.92 -10.52
CA ALA E 15 -25.67 -16.67 -9.77
C ALA E 15 -26.80 -16.08 -10.61
N ALA E 16 -27.99 -16.63 -10.44
CA ALA E 16 -29.21 -16.08 -11.06
C ALA E 16 -29.88 -14.93 -10.30
N ASN E 17 -29.61 -14.85 -9.00
CA ASN E 17 -30.24 -13.82 -8.08
C ASN E 17 -29.23 -13.42 -7.03
N ASP E 18 -29.62 -12.51 -6.12
CA ASP E 18 -28.62 -12.02 -5.15
C ASP E 18 -28.40 -12.89 -3.96
N GLU E 19 -29.23 -13.89 -3.81
CA GLU E 19 -29.08 -14.88 -2.75
C GLU E 19 -28.12 -16.04 -3.11
N GLU E 20 -27.68 -16.06 -4.37
CA GLU E 20 -26.80 -17.12 -4.88
C GLU E 20 -25.39 -16.57 -5.07
N LEU E 21 -24.42 -17.49 -5.14
CA LEU E 21 -22.99 -17.17 -5.15
C LEU E 21 -22.36 -17.73 -6.39
N SER E 22 -21.76 -16.87 -7.25
CA SER E 22 -21.06 -17.33 -8.45
C SER E 22 -19.71 -17.88 -8.06
N PHE E 23 -19.23 -18.82 -8.86
CA PHE E 23 -17.90 -19.38 -8.71
C PHE E 23 -17.38 -19.97 -10.00
N LYS E 24 -16.08 -20.14 -10.02
CA LYS E 24 -15.38 -20.79 -11.13
C LYS E 24 -14.71 -22.07 -10.66
N VAL E 25 -14.39 -22.90 -11.64
CA VAL E 25 -13.72 -24.18 -11.39
C VAL E 25 -12.48 -23.94 -10.52
N GLY E 26 -12.32 -24.72 -9.46
CA GLY E 26 -11.12 -24.68 -8.60
C GLY E 26 -11.31 -23.86 -7.35
N ASP E 27 -12.35 -23.02 -7.32
CA ASP E 27 -12.67 -22.21 -6.16
C ASP E 27 -12.94 -23.03 -4.94
N ILE E 28 -12.36 -22.61 -3.80
CA ILE E 28 -12.53 -23.33 -2.55
C ILE E 28 -13.50 -22.54 -1.70
N ILE E 29 -14.63 -23.17 -1.42
CA ILE E 29 -15.73 -22.46 -0.82
C ILE E 29 -16.00 -23.05 0.54
N THR E 30 -16.12 -22.18 1.55
CA THR E 30 -16.49 -22.61 2.87
C THR E 30 -17.98 -22.68 3.04
N ILE E 31 -18.44 -23.75 3.69
CA ILE E 31 -19.84 -24.06 3.80
C ILE E 31 -20.36 -23.70 5.18
N LEU E 32 -21.30 -22.78 5.20
CA LEU E 32 -21.86 -22.28 6.45
C LEU E 32 -23.10 -23.06 6.86
N GLU E 33 -23.80 -23.65 5.90
CA GLU E 33 -24.91 -24.58 6.15
C GLU E 33 -25.26 -25.38 4.89
N LYS E 34 -25.83 -26.55 5.12
CA LYS E 34 -26.22 -27.43 4.03
C LYS E 34 -27.74 -27.53 4.05
N ASP E 35 -28.40 -27.28 2.93
CA ASP E 35 -29.78 -27.75 2.70
C ASP E 35 -29.58 -28.94 1.74
N GLU E 36 -30.68 -29.34 1.16
CA GLU E 36 -30.76 -30.45 0.26
C GLU E 36 -30.60 -29.79 -1.07
N GLY E 37 -29.56 -30.16 -1.79
CA GLY E 37 -29.39 -29.64 -3.17
C GLY E 37 -28.66 -28.32 -3.24
N TRP E 38 -28.84 -27.45 -2.24
CA TRP E 38 -28.17 -26.15 -2.23
C TRP E 38 -27.54 -25.93 -0.89
N TRP E 39 -26.26 -25.53 -0.89
CA TRP E 39 -25.51 -25.19 0.31
C TRP E 39 -25.22 -23.70 0.32
N LYS E 40 -25.08 -23.14 1.52
CA LYS E 40 -24.70 -21.74 1.70
C LYS E 40 -23.20 -21.63 1.86
N GLY E 41 -22.58 -20.91 0.93
CA GLY E 41 -21.17 -20.80 0.84
C GLY E 41 -20.68 -19.39 1.15
N GLU E 42 -19.43 -19.32 1.54
CA GLU E 42 -18.63 -18.09 1.67
C GLU E 42 -17.39 -18.18 0.85
N LEU E 43 -17.15 -17.16 0.06
CA LEU E 43 -16.02 -17.16 -0.85
C LEU E 43 -15.58 -15.69 -0.94
N ASN E 44 -14.41 -15.38 -0.42
CA ASN E 44 -13.96 -13.93 -0.32
C ASN E 44 -14.87 -12.92 0.27
N GLY E 45 -15.56 -13.29 1.33
CA GLY E 45 -16.48 -12.36 2.00
C GLY E 45 -17.81 -12.25 1.30
N GLN E 46 -17.99 -12.93 0.16
CA GLN E 46 -19.31 -12.97 -0.45
C GLN E 46 -19.99 -14.23 0.06
N GLU E 47 -21.27 -14.14 0.43
CA GLU E 47 -21.99 -15.28 0.95
C GLU E 47 -23.20 -15.57 0.08
N GLY E 48 -23.46 -16.83 -0.22
CA GLY E 48 -24.72 -17.14 -0.87
C GLY E 48 -24.89 -18.61 -1.18
N TRP E 49 -26.01 -18.94 -1.77
CA TRP E 49 -26.35 -20.36 -2.00
C TRP E 49 -25.68 -20.87 -3.30
N ILE E 50 -25.24 -22.11 -3.26
CA ILE E 50 -24.53 -22.79 -4.38
C ILE E 50 -25.16 -24.17 -4.57
N PRO E 51 -25.25 -24.61 -5.83
CA PRO E 51 -25.82 -25.94 -6.21
C PRO E 51 -24.78 -27.00 -5.88
N ASN E 52 -25.15 -27.99 -5.06
CA ASN E 52 -24.12 -28.85 -4.54
C ASN E 52 -23.66 -29.89 -5.57
N ASN E 53 -24.42 -30.00 -6.66
CA ASN E 53 -24.04 -30.87 -7.81
C ASN E 53 -22.95 -30.23 -8.70
N TYR E 54 -22.45 -29.07 -8.31
CA TYR E 54 -21.32 -28.42 -9.02
C TYR E 54 -20.01 -28.47 -8.24
N VAL E 55 -20.02 -29.02 -7.03
CA VAL E 55 -18.88 -28.99 -6.21
C VAL E 55 -18.57 -30.35 -5.59
N LYS E 56 -17.43 -30.46 -4.95
CA LYS E 56 -17.05 -31.73 -4.27
C LYS E 56 -16.46 -31.37 -2.93
N GLU E 57 -17.06 -31.94 -1.90
CA GLU E 57 -16.57 -31.68 -0.53
C GLU E 57 -15.20 -32.28 -0.35
N ILE E 58 -14.32 -31.49 0.26
CA ILE E 58 -12.99 -31.89 0.63
C ILE E 58 -13.06 -32.69 1.95
N LEU E 59 -12.58 -33.94 1.93
CA LEU E 59 -12.66 -34.81 3.14
C LEU E 59 -11.29 -35.29 3.58
N ALA F 1 -9.65 7.32 11.65
CA ALA F 1 -9.57 8.70 12.22
C ALA F 1 -10.69 9.55 11.68
N SER F 2 -10.99 10.66 12.33
CA SER F 2 -11.92 11.60 11.73
C SER F 2 -11.13 12.66 11.00
N MET F 3 -11.69 13.12 9.92
CA MET F 3 -11.06 14.12 9.05
C MET F 3 -11.42 15.51 9.51
N LEU F 4 -10.44 16.38 9.59
CA LEU F 4 -10.69 17.78 9.97
C LEU F 4 -10.47 18.61 8.72
N PRO F 5 -11.20 19.70 8.55
CA PRO F 5 -10.93 20.56 7.42
C PRO F 5 -9.53 21.15 7.52
N GLN F 6 -8.87 21.37 6.39
CA GLN F 6 -7.64 22.10 6.38
C GLN F 6 -7.77 23.27 5.41
N VAL F 7 -7.02 24.34 5.68
CA VAL F 7 -7.07 25.55 4.89
C VAL F 7 -5.66 26.00 4.55
N LYS F 8 -5.53 26.68 3.41
CA LYS F 8 -4.29 27.26 3.01
C LYS F 8 -4.47 28.76 3.15
N ALA F 9 -3.49 29.44 3.73
CA ALA F 9 -3.54 30.89 3.93
C ALA F 9 -3.26 31.58 2.59
N LEU F 10 -4.07 32.59 2.30
CA LEU F 10 -3.89 33.46 1.12
C LEU F 10 -3.23 34.76 1.41
N TYR F 11 -3.34 35.23 2.66
CA TYR F 11 -2.71 36.48 3.13
C TYR F 11 -2.07 36.23 4.47
N PRO F 12 -1.07 37.04 4.83
CA PRO F 12 -0.54 36.88 6.17
C PRO F 12 -1.46 37.49 7.25
N TYR F 13 -1.30 37.03 8.47
CA TYR F 13 -2.10 37.58 9.59
C TYR F 13 -1.26 37.60 10.84
N THR F 14 -1.22 38.73 11.53
CA THR F 14 -0.65 38.80 12.83
C THR F 14 -1.76 38.72 13.92
N ALA F 15 -1.64 37.78 14.85
CA ALA F 15 -2.53 37.72 16.02
C ALA F 15 -2.61 39.07 16.76
N ALA F 16 -3.81 39.51 17.07
CA ALA F 16 -4.05 40.79 17.86
C ALA F 16 -4.13 40.50 19.36
N ASN F 17 -4.27 39.21 19.74
CA ASN F 17 -4.28 38.86 21.17
C ASN F 17 -3.98 37.37 21.28
N ASP F 18 -3.94 36.89 22.51
CA ASP F 18 -3.43 35.54 22.76
C ASP F 18 -4.39 34.44 22.38
N GLU F 19 -5.59 34.77 21.95
CA GLU F 19 -6.56 33.73 21.53
C GLU F 19 -6.43 33.52 20.02
N GLU F 20 -5.65 34.37 19.33
CA GLU F 20 -5.55 34.35 17.90
C GLU F 20 -4.26 33.67 17.46
N LEU F 21 -4.22 33.23 16.21
CA LEU F 21 -3.09 32.55 15.65
C LEU F 21 -2.56 33.33 14.45
N SER F 22 -1.31 33.67 14.53
CA SER F 22 -0.61 34.27 13.39
C SER F 22 -0.27 33.22 12.31
N PHE F 23 -0.16 33.68 11.09
CA PHE F 23 0.29 32.78 10.03
C PHE F 23 0.79 33.58 8.85
N LYS F 24 1.43 32.88 7.91
CA LYS F 24 1.92 33.46 6.70
C LYS F 24 1.26 32.83 5.52
N VAL F 25 1.38 33.49 4.35
CA VAL F 25 0.88 32.98 3.10
C VAL F 25 1.40 31.57 2.82
N GLY F 26 0.50 30.70 2.40
CA GLY F 26 0.84 29.34 2.10
C GLY F 26 0.77 28.36 3.27
N ASP F 27 0.67 28.85 4.50
CA ASP F 27 0.53 27.98 5.67
C ASP F 27 -0.70 27.09 5.57
N ILE F 28 -0.55 25.83 5.97
CA ILE F 28 -1.67 24.90 5.95
C ILE F 28 -2.14 24.69 7.38
N ILE F 29 -3.36 25.15 7.66
CA ILE F 29 -3.84 25.23 9.01
C ILE F 29 -4.97 24.22 9.16
N THR F 30 -4.88 23.42 10.21
CA THR F 30 -5.99 22.50 10.51
C THR F 30 -7.04 23.22 11.28
N ILE F 31 -8.30 23.01 10.87
CA ILE F 31 -9.41 23.64 11.54
C ILE F 31 -10.06 22.73 12.58
N LEU F 32 -10.07 23.23 13.81
CA LEU F 32 -10.58 22.45 14.97
C LEU F 32 -12.01 22.71 15.24
N GLU F 33 -12.51 23.87 14.82
CA GLU F 33 -13.84 24.32 15.05
C GLU F 33 -14.10 25.50 14.15
N LYS F 34 -15.34 25.64 13.72
CA LYS F 34 -15.80 26.84 13.03
C LYS F 34 -16.79 27.59 13.93
N ASP F 35 -16.64 28.92 13.96
CA ASP F 35 -17.57 29.82 14.67
C ASP F 35 -17.83 31.04 13.81
N GLU F 36 -18.57 30.79 12.75
CA GLU F 36 -18.93 31.79 11.79
C GLU F 36 -17.66 32.42 11.17
N GLY F 37 -17.48 33.75 11.28
CA GLY F 37 -16.34 34.48 10.68
C GLY F 37 -14.93 34.13 11.20
N TRP F 38 -14.85 33.43 12.34
CA TRP F 38 -13.59 33.03 12.92
C TRP F 38 -13.54 31.55 13.06
N TRP F 39 -12.46 30.94 12.57
CA TRP F 39 -12.29 29.51 12.71
C TRP F 39 -11.16 29.24 13.65
N LYS F 40 -11.23 28.11 14.37
CA LYS F 40 -10.17 27.77 15.31
C LYS F 40 -9.13 26.87 14.66
N GLY F 41 -7.91 27.35 14.62
CA GLY F 41 -6.86 26.66 13.92
C GLY F 41 -5.73 26.13 14.76
N GLU F 42 -5.00 25.17 14.20
CA GLU F 42 -3.78 24.62 14.79
C GLU F 42 -2.75 24.52 13.69
N LEU F 43 -1.54 24.97 14.00
CA LEU F 43 -0.49 25.00 13.03
C LEU F 43 0.76 24.78 13.88
N ASN F 44 1.42 23.64 13.69
CA ASN F 44 2.66 23.37 14.41
C ASN F 44 2.57 23.43 15.91
N GLY F 45 1.46 22.93 16.46
CA GLY F 45 1.37 22.81 17.97
C GLY F 45 0.87 24.12 18.57
N GLN F 46 0.71 25.14 17.73
CA GLN F 46 0.03 26.41 18.16
C GLN F 46 -1.44 26.41 17.76
N GLU F 47 -2.33 26.84 18.68
CA GLU F 47 -3.74 26.89 18.44
C GLU F 47 -4.34 28.29 18.61
N GLY F 48 -5.25 28.68 17.76
CA GLY F 48 -5.92 29.94 17.94
C GLY F 48 -6.88 30.26 16.84
N TRP F 49 -7.62 31.33 17.04
CA TRP F 49 -8.67 31.72 16.11
C TRP F 49 -8.04 32.51 14.98
N ILE F 50 -8.60 32.33 13.81
CA ILE F 50 -8.18 32.94 12.56
C ILE F 50 -9.39 33.52 11.79
N PRO F 51 -9.20 34.66 11.12
CA PRO F 51 -10.27 35.14 10.23
C PRO F 51 -10.39 34.28 8.98
N ASN F 52 -11.56 33.71 8.74
CA ASN F 52 -11.75 32.77 7.65
C ASN F 52 -11.67 33.39 6.23
N ASN F 53 -11.78 34.71 6.11
CA ASN F 53 -11.57 35.34 4.80
C ASN F 53 -10.09 35.43 4.39
N TYR F 54 -9.13 35.14 5.29
CA TYR F 54 -7.72 35.09 4.91
C TYR F 54 -7.23 33.74 4.37
N VAL F 55 -8.11 32.74 4.27
CA VAL F 55 -7.74 31.37 3.96
C VAL F 55 -8.71 30.72 2.96
N LYS F 56 -8.28 29.65 2.35
CA LYS F 56 -9.11 28.89 1.42
C LYS F 56 -9.12 27.44 1.83
N GLU F 57 -10.31 26.94 2.18
CA GLU F 57 -10.49 25.54 2.51
C GLU F 57 -10.05 24.64 1.35
N ILE F 58 -9.33 23.59 1.69
CA ILE F 58 -8.90 22.62 0.69
C ILE F 58 -9.97 21.56 0.47
N ALA G 1 -25.19 -12.03 -4.20
CA ALA G 1 -24.61 -12.56 -2.93
C ALA G 1 -24.51 -11.34 -2.02
N SER G 2 -24.64 -11.55 -0.72
CA SER G 2 -24.38 -10.50 0.27
C SER G 2 -22.88 -10.43 0.63
N MET G 3 -22.41 -9.26 1.04
CA MET G 3 -21.04 -9.05 1.47
C MET G 3 -21.14 -9.16 2.98
N LEU G 4 -20.47 -10.12 3.59
CA LEU G 4 -20.38 -10.16 5.06
C LEU G 4 -19.25 -9.19 5.46
N PRO G 5 -19.29 -8.63 6.69
CA PRO G 5 -18.20 -7.79 7.21
C PRO G 5 -16.97 -8.66 7.29
N GLN G 6 -15.84 -8.06 6.96
CA GLN G 6 -14.54 -8.70 7.09
C GLN G 6 -13.61 -7.83 7.90
N VAL G 7 -12.59 -8.47 8.47
CA VAL G 7 -11.56 -7.74 9.18
C VAL G 7 -10.21 -8.20 8.76
N LYS G 8 -9.19 -7.34 8.96
CA LYS G 8 -7.86 -7.68 8.70
C LYS G 8 -7.15 -7.75 10.03
N ALA G 9 -6.50 -8.84 10.33
CA ALA G 9 -5.74 -8.96 11.61
C ALA G 9 -4.49 -8.07 11.62
N LEU G 10 -4.29 -7.29 12.68
CA LEU G 10 -3.12 -6.40 12.83
C LEU G 10 -2.06 -6.91 13.78
N TYR G 11 -2.37 -7.99 14.52
CA TYR G 11 -1.53 -8.60 15.57
C TYR G 11 -1.86 -10.12 15.51
N PRO G 12 -0.87 -10.97 15.81
CA PRO G 12 -1.16 -12.41 15.86
C PRO G 12 -1.91 -12.80 17.11
N TYR G 13 -2.64 -13.91 17.05
CA TYR G 13 -3.42 -14.36 18.24
C TYR G 13 -3.45 -15.87 18.21
N THR G 14 -3.27 -16.50 19.38
CA THR G 14 -3.37 -17.95 19.49
C THR G 14 -4.55 -18.20 20.45
N ALA G 15 -5.52 -18.94 19.92
CA ALA G 15 -6.68 -19.41 20.73
C ALA G 15 -6.27 -20.20 21.97
N ALA G 16 -6.88 -19.86 23.09
CA ALA G 16 -6.66 -20.57 24.32
C ALA G 16 -7.59 -21.78 24.46
N ASN G 17 -8.74 -21.75 23.78
CA ASN G 17 -9.70 -22.83 23.91
C ASN G 17 -10.31 -23.09 22.54
N ASP G 18 -11.08 -24.17 22.47
CA ASP G 18 -11.68 -24.62 21.23
C ASP G 18 -12.70 -23.64 20.64
N GLU G 19 -13.20 -22.68 21.42
CA GLU G 19 -14.21 -21.78 20.92
C GLU G 19 -13.55 -20.60 20.28
N GLU G 20 -12.24 -20.42 20.49
CA GLU G 20 -11.57 -19.23 19.89
C GLU G 20 -10.86 -19.62 18.61
N LEU G 21 -10.47 -18.60 17.86
CA LEU G 21 -9.92 -18.78 16.53
C LEU G 21 -8.56 -18.06 16.49
N SER G 22 -7.54 -18.82 16.15
CA SER G 22 -6.19 -18.28 15.98
C SER G 22 -6.02 -17.59 14.61
N PHE G 23 -5.12 -16.65 14.58
CA PHE G 23 -4.80 -16.00 13.30
C PHE G 23 -3.45 -15.27 13.34
N LYS G 24 -3.01 -14.87 12.13
CA LYS G 24 -1.76 -14.17 11.91
C LYS G 24 -1.96 -12.80 11.31
N VAL G 25 -0.98 -11.93 11.49
CA VAL G 25 -1.07 -10.57 10.90
C VAL G 25 -1.39 -10.66 9.39
N GLY G 26 -2.35 -9.83 8.96
CA GLY G 26 -2.73 -9.81 7.55
C GLY G 26 -3.86 -10.73 7.20
N ASP G 27 -4.18 -11.70 8.08
CA ASP G 27 -5.29 -12.60 7.72
C ASP G 27 -6.61 -11.84 7.60
N ILE G 28 -7.38 -12.25 6.58
CA ILE G 28 -8.68 -11.68 6.32
C ILE G 28 -9.77 -12.61 6.82
N ILE G 29 -10.46 -12.17 7.87
CA ILE G 29 -11.37 -12.99 8.68
C ILE G 29 -12.77 -12.51 8.40
N THR G 30 -13.67 -13.44 8.08
CA THR G 30 -15.04 -13.09 7.79
C THR G 30 -15.85 -13.09 9.04
N ILE G 31 -16.61 -12.05 9.29
CA ILE G 31 -17.36 -11.90 10.53
C ILE G 31 -18.78 -12.38 10.50
N LEU G 32 -19.10 -13.28 11.45
CA LEU G 32 -20.45 -13.90 11.59
C LEU G 32 -21.34 -13.38 12.74
N GLU G 33 -20.79 -12.76 13.77
CA GLU G 33 -21.55 -12.34 14.92
C GLU G 33 -20.62 -11.34 15.61
N LYS G 34 -21.22 -10.34 16.24
CA LYS G 34 -20.52 -9.33 17.02
C LYS G 34 -21.01 -9.30 18.48
N ASP G 35 -20.08 -9.27 19.39
CA ASP G 35 -20.32 -8.86 20.74
C ASP G 35 -19.29 -7.83 21.17
N GLU G 36 -19.59 -7.15 22.26
CA GLU G 36 -18.64 -6.31 22.96
C GLU G 36 -17.36 -7.11 23.14
N GLY G 37 -16.29 -6.63 22.58
CA GLY G 37 -14.93 -7.14 22.86
C GLY G 37 -14.50 -8.36 22.02
N TRP G 38 -15.47 -9.18 21.62
CA TRP G 38 -15.23 -10.45 20.94
C TRP G 38 -16.17 -10.60 19.77
N TRP G 39 -15.64 -10.94 18.60
CA TRP G 39 -16.46 -11.17 17.40
C TRP G 39 -16.25 -12.61 16.95
N LYS G 40 -17.26 -13.19 16.36
CA LYS G 40 -17.12 -14.51 15.82
C LYS G 40 -16.73 -14.55 14.35
N GLY G 41 -15.58 -15.14 14.07
CA GLY G 41 -14.95 -15.12 12.74
C GLY G 41 -14.83 -16.50 12.11
N GLU G 42 -14.58 -16.49 10.81
CA GLU G 42 -14.25 -17.66 10.05
C GLU G 42 -13.09 -17.38 9.12
N LEU G 43 -12.11 -18.28 9.08
CA LEU G 43 -10.90 -18.12 8.30
C LEU G 43 -10.46 -19.46 7.83
N ASN G 44 -10.39 -19.62 6.51
CA ASN G 44 -9.86 -20.86 5.92
C ASN G 44 -10.52 -22.11 6.55
N GLY G 45 -11.82 -22.08 6.68
CA GLY G 45 -12.62 -23.21 7.13
C GLY G 45 -12.58 -23.44 8.63
N GLN G 46 -12.06 -22.49 9.42
CA GLN G 46 -12.09 -22.59 10.87
C GLN G 46 -12.94 -21.47 11.41
N GLU G 47 -13.76 -21.75 12.44
CA GLU G 47 -14.68 -20.70 12.98
C GLU G 47 -14.45 -20.54 14.44
N GLY G 48 -14.47 -19.29 14.95
CA GLY G 48 -14.35 -19.07 16.38
C GLY G 48 -14.29 -17.62 16.74
N TRP G 49 -14.32 -17.33 18.04
CA TRP G 49 -14.30 -15.99 18.56
C TRP G 49 -12.88 -15.42 18.53
N ILE G 50 -12.84 -14.15 18.19
CA ILE G 50 -11.60 -13.37 18.14
C ILE G 50 -11.74 -12.06 18.96
N PRO G 51 -10.65 -11.62 19.58
CA PRO G 51 -10.58 -10.31 20.22
C PRO G 51 -10.62 -9.15 19.23
N ASN G 52 -11.66 -8.31 19.32
CA ASN G 52 -11.86 -7.32 18.27
C ASN G 52 -10.84 -6.24 18.20
N ASN G 53 -10.11 -6.03 19.28
CA ASN G 53 -9.03 -5.06 19.26
C ASN G 53 -7.78 -5.49 18.57
N TYR G 54 -7.73 -6.75 18.12
CA TYR G 54 -6.57 -7.25 17.40
C TYR G 54 -6.71 -7.03 15.88
N VAL G 55 -7.83 -6.49 15.43
CA VAL G 55 -8.18 -6.50 14.01
C VAL G 55 -8.76 -5.19 13.64
N LYS G 56 -8.97 -4.96 12.33
CA LYS G 56 -9.48 -3.69 11.80
C LYS G 56 -10.51 -4.06 10.79
N GLU G 57 -11.70 -3.48 10.94
CA GLU G 57 -12.76 -3.70 9.92
C GLU G 57 -12.36 -3.09 8.61
N ILE G 58 -12.56 -3.85 7.54
CA ILE G 58 -12.28 -3.40 6.19
C ILE G 58 -13.56 -2.69 5.67
N LEU G 59 -13.40 -1.46 5.17
CA LEU G 59 -14.54 -0.61 4.72
C LEU G 59 -15.19 -1.16 3.46
N ALA H 1 3.43 0.30 -34.85
CA ALA H 1 4.23 -0.36 -33.78
C ALA H 1 4.42 0.64 -32.66
N SER H 2 4.74 0.20 -31.46
CA SER H 2 5.04 1.16 -30.35
C SER H 2 6.58 1.50 -30.34
N MET H 3 6.99 2.69 -29.93
CA MET H 3 8.43 3.03 -29.98
C MET H 3 9.00 2.86 -28.61
N LEU H 4 10.20 2.28 -28.53
CA LEU H 4 10.95 2.13 -27.32
C LEU H 4 12.04 3.23 -27.36
N PRO H 5 12.38 3.79 -26.22
CA PRO H 5 13.49 4.68 -26.16
C PRO H 5 14.76 3.98 -26.56
N GLN H 6 15.70 4.71 -27.16
CA GLN H 6 17.01 4.22 -27.41
C GLN H 6 18.01 5.25 -26.90
N VAL H 7 19.13 4.71 -26.47
CA VAL H 7 20.27 5.57 -25.99
C VAL H 7 21.54 5.25 -26.76
N LYS H 8 22.44 6.26 -26.83
CA LYS H 8 23.80 6.11 -27.32
C LYS H 8 24.77 6.14 -26.14
N ALA H 9 25.64 5.16 -26.03
CA ALA H 9 26.63 5.15 -25.00
C ALA H 9 27.72 6.18 -25.24
N LEU H 10 28.02 6.95 -24.20
CA LEU H 10 29.08 7.94 -24.25
C LEU H 10 30.38 7.58 -23.55
N TYR H 11 30.33 6.52 -22.73
CA TYR H 11 31.40 6.04 -21.93
C TYR H 11 31.33 4.51 -21.97
N PRO H 12 32.48 3.85 -21.91
CA PRO H 12 32.48 2.39 -21.87
C PRO H 12 32.07 1.85 -20.52
N TYR H 13 31.39 0.73 -20.49
CA TYR H 13 31.02 0.10 -19.24
C TYR H 13 31.18 -1.40 -19.32
N THR H 14 31.78 -1.97 -18.28
CA THR H 14 31.91 -3.41 -18.12
C THR H 14 31.02 -3.79 -16.96
N ALA H 15 30.03 -4.61 -17.25
CA ALA H 15 29.14 -5.16 -16.24
C ALA H 15 29.91 -5.72 -15.00
N ALA H 16 29.43 -5.39 -13.80
CA ALA H 16 29.94 -5.93 -12.54
C ALA H 16 29.35 -7.33 -12.22
N ASN H 17 28.19 -7.69 -12.80
CA ASN H 17 27.50 -8.91 -12.47
C ASN H 17 26.63 -9.36 -13.63
N ASP H 18 26.04 -10.55 -13.52
CA ASP H 18 25.32 -11.18 -14.61
C ASP H 18 24.04 -10.46 -15.06
N GLU H 19 23.53 -9.53 -14.26
CA GLU H 19 22.28 -8.79 -14.59
C GLU H 19 22.55 -7.46 -15.30
N GLU H 20 23.80 -7.04 -15.39
CA GLU H 20 24.17 -5.81 -16.05
C GLU H 20 24.61 -6.09 -17.44
N LEU H 21 24.65 -5.05 -18.23
CA LEU H 21 25.01 -5.15 -19.65
C LEU H 21 26.20 -4.31 -19.96
N SER H 22 27.23 -4.94 -20.55
CA SER H 22 28.47 -4.18 -20.98
C SER H 22 28.23 -3.49 -22.30
N PHE H 23 28.90 -2.38 -22.53
CA PHE H 23 28.82 -1.69 -23.78
C PHE H 23 30.01 -0.82 -23.99
N LYS H 24 30.18 -0.42 -25.25
CA LYS H 24 31.31 0.42 -25.61
C LYS H 24 30.76 1.72 -26.10
N VAL H 25 31.61 2.74 -26.22
CA VAL H 25 31.18 4.01 -26.66
C VAL H 25 30.54 3.86 -28.04
N GLY H 26 29.43 4.53 -28.27
CA GLY H 26 28.73 4.50 -29.55
C GLY H 26 27.68 3.41 -29.68
N ASP H 27 27.68 2.41 -28.80
CA ASP H 27 26.62 1.40 -28.85
C ASP H 27 25.22 2.05 -28.76
N ILE H 28 24.25 1.54 -29.53
CA ILE H 28 22.89 2.07 -29.45
C ILE H 28 22.06 1.01 -28.79
N ILE H 29 21.49 1.37 -27.66
CA ILE H 29 20.90 0.40 -26.76
C ILE H 29 19.41 0.70 -26.66
N THR H 30 18.60 -0.34 -26.74
CA THR H 30 17.17 -0.14 -26.70
C THR H 30 16.73 -0.30 -25.27
N ILE H 31 15.88 0.60 -24.80
CA ILE H 31 15.48 0.59 -23.42
C ILE H 31 14.15 -0.09 -23.20
N LEU H 32 14.18 -1.08 -22.31
CA LEU H 32 13.02 -1.88 -22.03
C LEU H 32 12.36 -1.46 -20.72
N GLU H 33 13.04 -0.75 -19.83
CA GLU H 33 12.47 -0.38 -18.59
C GLU H 33 13.39 0.68 -18.00
N LYS H 34 12.82 1.64 -17.28
CA LYS H 34 13.55 2.68 -16.56
C LYS H 34 13.33 2.56 -15.07
N ASP H 35 14.44 2.49 -14.34
CA ASP H 35 14.46 2.79 -12.92
C ASP H 35 15.24 4.11 -12.76
N GLU H 36 15.39 4.52 -11.52
CA GLU H 36 16.20 5.68 -11.11
C GLU H 36 17.66 5.32 -11.28
N GLY H 37 18.37 5.96 -12.15
CA GLY H 37 19.83 5.69 -12.20
C GLY H 37 20.25 4.49 -13.05
N TRP H 38 19.44 3.42 -13.14
CA TRP H 38 19.73 2.24 -13.93
C TRP H 38 18.57 1.98 -14.85
N TRP H 39 18.88 1.65 -16.11
CA TRP H 39 17.82 1.41 -17.12
C TRP H 39 18.04 0.02 -17.65
N LYS H 40 16.97 -0.67 -18.12
CA LYS H 40 17.17 -2.06 -18.58
C LYS H 40 17.27 -1.98 -20.09
N GLY H 41 18.42 -2.39 -20.66
CA GLY H 41 18.65 -2.33 -22.05
C GLY H 41 18.85 -3.67 -22.76
N GLU H 42 18.71 -3.57 -24.07
CA GLU H 42 18.92 -4.69 -24.97
C GLU H 42 19.86 -4.24 -26.08
N LEU H 43 20.89 -5.05 -26.29
CA LEU H 43 21.87 -4.78 -27.34
C LEU H 43 22.29 -6.16 -27.95
N ASN H 44 21.95 -6.36 -29.21
CA ASN H 44 22.22 -7.62 -29.93
C ASN H 44 21.87 -8.90 -29.22
N GLY H 45 20.67 -8.94 -28.66
CA GLY H 45 20.19 -10.14 -28.00
C GLY H 45 20.69 -10.29 -26.58
N GLN H 46 21.44 -9.31 -26.09
CA GLN H 46 21.92 -9.35 -24.72
C GLN H 46 21.14 -8.33 -23.96
N GLU H 47 20.69 -8.72 -22.78
CA GLU H 47 19.83 -7.89 -21.95
C GLU H 47 20.37 -7.70 -20.55
N GLY H 48 20.28 -6.47 -20.06
CA GLY H 48 20.77 -6.19 -18.73
C GLY H 48 20.67 -4.69 -18.38
N TRP H 49 20.95 -4.43 -17.12
CA TRP H 49 20.81 -3.08 -16.60
C TRP H 49 22.09 -2.29 -16.93
N ILE H 50 21.91 -1.02 -17.26
CA ILE H 50 22.99 -0.11 -17.57
C ILE H 50 22.84 1.16 -16.71
N PRO H 51 23.96 1.80 -16.38
CA PRO H 51 23.86 3.04 -15.64
C PRO H 51 23.51 4.19 -16.56
N ASN H 52 22.45 4.94 -16.22
CA ASN H 52 22.04 5.97 -17.12
C ASN H 52 22.98 7.18 -17.21
N ASN H 53 23.90 7.33 -16.27
CA ASN H 53 24.87 8.40 -16.42
C ASN H 53 26.02 8.09 -17.40
N TYR H 54 25.93 6.95 -18.09
CA TYR H 54 26.89 6.61 -19.15
C TYR H 54 26.38 6.87 -20.53
N VAL H 55 25.12 7.24 -20.65
CA VAL H 55 24.46 7.27 -21.94
C VAL H 55 23.65 8.50 -22.13
N LYS H 56 23.18 8.68 -23.36
CA LYS H 56 22.35 9.84 -23.74
C LYS H 56 21.16 9.36 -24.58
N GLU H 57 19.97 9.67 -24.12
CA GLU H 57 18.73 9.27 -24.81
C GLU H 57 18.70 9.98 -26.14
N ILE H 58 18.40 9.21 -27.17
CA ILE H 58 18.27 9.72 -28.53
C ILE H 58 16.89 10.35 -28.68
N LEU H 59 16.86 11.63 -29.04
CA LEU H 59 15.60 12.39 -29.14
C LEU H 59 15.01 12.45 -30.56
OH2 1PE I . -11.23 -11.48 -35.27
C12 1PE I . -12.53 -11.91 -34.85
C22 1PE I . -13.27 -10.74 -34.21
OH3 1PE I . -12.37 -9.98 -33.42
C13 1PE I . -11.50 -9.80 -31.18
C23 1PE I . -11.85 -10.74 -32.33
OH4 1PE I . -12.20 -10.21 -30.00
C14 1PE I . -12.29 -11.81 -28.20
C24 1PE I . -11.40 -11.07 -29.19
OH5 1PE I . -13.11 -12.74 -28.91
C15 1PE I . -15.18 -13.97 -28.83
C25 1PE I . -13.99 -13.44 -28.03
OH6 1PE I . -16.37 -13.30 -28.41
OAB PEU J . -7.03 -17.41 -31.00
CAC PEU J . -6.66 -16.99 -29.70
CAD PEU J . -5.15 -16.80 -29.64
OAE PEU J . -4.61 -17.59 -28.57
CAF PEU J . -4.92 -17.02 -27.29
CAG PEU J . -4.09 -15.76 -27.09
OAH PEU J . -4.82 -14.63 -27.58
CAI PEU J . -4.12 -13.41 -27.34
CAJ PEU J . -3.51 -12.92 -28.65
OAK PEU J . -2.16 -13.36 -28.73
CAL PEU J . -1.23 -12.31 -28.47
CAM PEU J . -1.24 -11.32 -29.63
OAN PEU J . -1.30 -12.04 -30.87
CAO PEU J . -2.37 -11.57 -31.70
CAP PEU J . -1.78 -10.68 -32.80
OAQ PEU J . -1.96 -9.31 -32.43
CAR PEU J . -1.85 -8.45 -33.56
CAS PEU J . -3.10 -7.58 -33.65
OAT PEU J . -4.05 -8.18 -34.53
CAU PEU J . -5.34 -7.60 -34.39
CAV PEU J . -6.12 -7.81 -35.68
OAW PEU J . -5.70 -9.02 -36.31
CAX PEU J . -5.97 -10.16 -35.50
CAY PEU J . -4.81 -11.15 -35.59
C1 PG6 K . -12.32 -2.53 27.74
O1 PG6 K . -12.51 -1.76 26.55
C2 PG6 K . -11.61 -0.64 26.45
C3 PG6 K . -11.75 0.08 25.11
O2 PG6 K . -10.60 0.94 24.88
C4 PG6 K . -9.74 0.49 23.79
C5 PG6 K . -8.83 1.58 23.25
O3 PG6 K . -9.63 2.69 22.89
C6 PG6 K . -9.06 4.00 22.96
C7 PG6 K . -10.04 5.03 23.47
O4 PG6 K . -9.70 5.36 24.80
C8 PG6 K . -10.45 6.44 25.37
C9 PG6 K . -10.71 6.11 26.83
O5 PG6 K . -11.55 4.95 26.85
C10 PG6 K . -11.97 4.63 28.18
C11 PG6 K . -12.44 3.19 28.22
O6 PG6 K . -12.29 2.73 29.55
C12 PG6 K . -11.55 1.52 29.74
CAC PEU L . 6.28 0.33 22.42
CAD PEU L . 6.43 -0.56 21.26
OAE PEU L . 5.20 -0.65 20.55
CAF PEU L . 5.19 -1.72 19.60
CAG PEU L . 4.78 -2.92 20.41
OAH PEU L . 4.15 -3.96 19.67
CAI PEU L . 3.34 -4.92 20.38
CAJ PEU L . 3.83 -5.27 21.78
OAK PEU L . 3.18 -6.45 22.30
CAL PEU L . 1.81 -6.32 22.81
CAM PEU L . 0.84 -7.11 21.91
OAN PEU L . -0.53 -7.18 22.34
CAO PEU L . -1.49 -7.24 21.24
CAP PEU L . -2.82 -6.73 21.66
OAQ PEU L . -3.38 -5.76 20.79
CAR PEU L . -3.70 -4.48 21.37
CAS PEU L . -3.51 -3.31 20.41
OAT PEU L . -2.53 -2.28 20.73
CAU PEU L . -2.65 -1.55 21.94
CAV PEU L . -1.56 -0.53 22.22
OAW PEU L . -1.50 -0.28 23.64
S SO4 M . 4.06 4.85 -1.65
O1 SO4 M . 2.96 4.97 -2.62
O2 SO4 M . 5.24 4.26 -2.32
O3 SO4 M . 4.42 6.19 -1.12
O4 SO4 M . 3.66 3.98 -0.51
C1 PG6 N . 18.06 -0.84 -5.68
O1 PG6 N . 16.82 -0.74 -6.41
C2 PG6 N . 16.30 -1.98 -6.95
C3 PG6 N . 15.78 -1.89 -8.38
O2 PG6 N . 16.22 -3.01 -9.18
C4 PG6 N . 17.17 -2.71 -10.24
C5 PG6 N . 18.17 -3.84 -10.40
O3 PG6 N . 19.33 -3.28 -11.03
C6 PG6 N . 20.64 -3.79 -10.71
C7 PG6 N . 21.58 -2.60 -10.47
O4 PG6 N . 22.68 -2.92 -9.56
C8 PG6 N . 23.14 -1.82 -8.77
O5 PG6 N . 22.07 0.91 -7.16
C10 PG6 N . 22.41 2.22 -6.66
C11 PG6 N . 23.43 2.93 -7.53
O6 PG6 N . 22.88 4.12 -8.15
C12 PG6 N . 23.65 4.74 -9.20
C3 PG6 O . 20.77 -1.57 5.31
O2 PG6 O . 20.38 -0.22 4.97
C4 PG6 O . 18.98 0.01 5.00
C5 PG6 O . 18.60 0.91 3.86
O3 PG6 O . 18.22 0.14 2.73
C6 PG6 O . 16.85 -0.17 2.72
C7 PG6 O . 16.45 -1.02 1.53
O4 PG6 O . 16.68 -2.37 1.87
C8 PG6 O . 15.97 -3.29 1.06
C9 PG6 O . 16.93 -4.31 0.44
O5 PG6 O . 17.95 -4.57 1.36
C10 PG6 O . 17.59 -5.47 2.41
C11 PG6 O . 18.37 -5.15 3.69
O6 PG6 O . 17.61 -5.54 4.82
O2 PG6 P . 14.82 -9.23 7.18
C4 PG6 P . 14.17 -8.23 7.92
C5 PG6 P . 14.09 -6.96 7.11
O3 PG6 P . 13.63 -5.96 8.04
C6 PG6 P . 14.43 -4.79 8.14
O4 PG6 P . 10.47 -3.51 8.04
O2 PG6 Q . 25.63 4.86 -11.37
C4 PG6 Q . 26.89 4.70 -12.02
C5 PG6 Q . 27.80 3.76 -11.26
O3 PG6 Q . 28.23 2.69 -12.07
C6 PG6 Q . 29.20 1.85 -11.43
C7 PG6 Q . 28.67 1.20 -10.16
O4 PG6 Q . 26.10 1.84 -8.69
S SO4 R . -6.37 4.13 8.70
O1 SO4 R . -6.75 5.31 7.91
O2 SO4 R . -4.89 4.08 8.87
O3 SO4 R . -7.02 4.18 10.03
O4 SO4 R . -6.82 2.90 7.99
C1 PG6 S . -19.69 -10.98 30.58
O1 PG6 S . -19.89 -11.38 29.21
C2 PG6 S . -20.64 -12.60 28.98
C3 PG6 S . -20.98 -12.86 27.49
O2 PG6 S . -19.82 -13.00 26.65
C4 PG6 S . -19.87 -13.96 25.59
C5 PG6 S . -19.33 -13.40 24.28
O3 PG6 S . -18.33 -14.28 23.70
C6 PG6 S . -17.00 -14.13 24.27
C7 PG6 S . -15.93 -14.99 23.60
O4 PG6 S . -15.08 -15.68 24.54
C8 PG6 S . -14.58 -16.98 24.15
C9 PG6 S . -14.75 -18.06 25.24
O5 PG6 S . -13.65 -18.19 26.16
C10 PG6 S . -13.76 -17.56 27.47
C11 PG6 S . -13.00 -16.22 27.56
O6 PG6 S . -13.59 -15.15 26.78
C12 PG6 S . -13.56 -13.87 27.42
#